data_8B6A
#
_entry.id   8B6A
#
_cell.length_a   92.465
_cell.length_b   42.311
_cell.length_c   110.392
_cell.angle_alpha   90.00
_cell.angle_beta   95.49
_cell.angle_gamma   90.00
#
_symmetry.space_group_name_H-M   'I 1 2 1'
#
loop_
_entity.id
_entity.type
_entity.pdbx_description
1 polymer 'Conserved hypothetical lipoprotein'
2 non-polymer 'SULFATE ION'
3 non-polymer GLYCEROL
4 water water
#
_entity_poly.entity_id   1
_entity_poly.type   'polypeptide(L)'
_entity_poly.pdbx_seq_one_letter_code
;MNNKNKFRFAILLFGVLSAFIITACSDNNSPDDPSQGENTLPVKQVSLSRKTAYGNDWIYYSLEKGKEVSVSEESHAENT
DWDIAFNRYNVRTNSGASGKGKGGALLTNIKDLAACTTVPQGTFTVDAAYTITAPGTGFPPPTMESTANEVLCKAITFAG
PPPTYTPSDYVFIVRTASGKYAKLKAKSFYDDEGKSGIYSFEYAIQPDGSTNLN
;
_entity_poly.pdbx_strand_id   A,B
#
loop_
_chem_comp.id
_chem_comp.type
_chem_comp.name
_chem_comp.formula
GOL non-polymer GLYCEROL 'C3 H8 O3'
SO4 non-polymer 'SULFATE ION' 'O4 S -2'
#
# COMPACT_ATOMS: atom_id res chain seq x y z
N THR A 40 -1.40 22.25 0.79
CA THR A 40 -0.59 21.44 1.75
C THR A 40 0.01 20.24 0.99
N LEU A 41 1.19 19.77 1.38
CA LEU A 41 1.85 18.64 0.68
C LEU A 41 1.02 17.38 0.91
N PRO A 42 0.95 16.46 -0.07
CA PRO A 42 0.22 15.20 0.14
C PRO A 42 1.00 14.28 1.09
N VAL A 43 0.29 13.55 1.96
CA VAL A 43 0.86 12.56 2.92
C VAL A 43 0.66 11.14 2.35
N LYS A 44 1.75 10.41 2.08
CA LYS A 44 1.70 9.02 1.55
C LYS A 44 1.84 8.01 2.71
N GLN A 45 0.96 7.01 2.79
CA GLN A 45 1.08 5.84 3.70
C GLN A 45 1.89 4.79 2.95
N VAL A 46 2.96 4.29 3.58
CA VAL A 46 3.87 3.27 3.00
C VAL A 46 3.89 2.07 3.97
N SER A 47 3.66 0.87 3.46
CA SER A 47 4.02 -0.42 4.12
C SER A 47 5.03 -1.11 3.23
N LEU A 48 6.19 -1.51 3.76
CA LEU A 48 7.22 -2.20 2.94
C LEU A 48 6.66 -3.54 2.43
N SER A 49 7.20 -4.01 1.31
CA SER A 49 6.67 -5.15 0.52
C SER A 49 6.92 -6.47 1.27
N ARG A 50 7.91 -6.52 2.17
CA ARG A 50 8.35 -7.76 2.87
C ARG A 50 9.09 -7.42 4.17
N LYS A 51 9.23 -8.45 5.01
CA LYS A 51 10.16 -8.53 6.18
C LYS A 51 11.57 -8.78 5.64
N THR A 52 12.60 -8.26 6.30
CA THR A 52 14.00 -8.54 5.90
C THR A 52 14.61 -9.65 6.78
N ALA A 53 15.57 -10.35 6.20
CA ALA A 53 16.49 -11.25 6.93
C ALA A 53 17.31 -10.37 7.88
N TYR A 54 18.05 -10.98 8.80
CA TYR A 54 19.13 -10.28 9.56
C TYR A 54 20.31 -10.12 8.59
N GLY A 55 21.39 -9.49 9.03
CA GLY A 55 22.50 -9.10 8.15
C GLY A 55 22.08 -7.94 7.27
N ASN A 56 22.80 -7.74 6.16
CA ASN A 56 22.66 -6.55 5.29
C ASN A 56 21.60 -6.85 4.21
N ASP A 57 20.38 -7.14 4.64
CA ASP A 57 19.19 -7.32 3.76
C ASP A 57 18.41 -6.03 3.95
N TRP A 58 18.68 -5.07 3.07
CA TRP A 58 18.09 -3.71 3.17
C TRP A 58 17.04 -3.53 2.06
N ILE A 59 15.87 -2.99 2.45
CA ILE A 59 14.84 -2.55 1.47
C ILE A 59 15.09 -1.06 1.21
N TYR A 60 15.42 -0.72 -0.04
CA TYR A 60 15.75 0.65 -0.50
C TYR A 60 14.49 1.34 -1.03
N TYR A 61 14.26 2.57 -0.59
CA TYR A 61 13.05 3.37 -0.85
C TYR A 61 13.45 4.76 -1.36
N SER A 62 12.81 5.21 -2.45
CA SER A 62 12.79 6.62 -2.93
C SER A 62 11.59 7.36 -2.29
N LEU A 63 11.88 8.30 -1.40
CA LEU A 63 10.86 9.26 -0.88
C LEU A 63 10.43 10.21 -2.02
N GLU A 64 11.37 10.62 -2.86
CA GLU A 64 11.09 11.51 -4.03
C GLU A 64 10.06 10.84 -4.96
N LYS A 65 10.21 9.55 -5.25
CA LYS A 65 9.35 8.82 -6.23
C LYS A 65 8.25 8.03 -5.53
N GLY A 66 8.32 7.86 -4.21
CA GLY A 66 7.31 7.10 -3.44
C GLY A 66 7.30 5.61 -3.81
N LYS A 67 8.44 4.95 -3.88
CA LYS A 67 8.53 3.51 -4.27
C LYS A 67 9.80 2.86 -3.71
N GLU A 68 9.71 1.56 -3.43
CA GLU A 68 10.88 0.68 -3.23
C GLU A 68 11.68 0.72 -4.52
N VAL A 69 13.00 0.69 -4.44
CA VAL A 69 13.86 0.77 -5.65
C VAL A 69 14.85 -0.38 -5.59
N SER A 70 15.23 -0.89 -6.74
CA SER A 70 16.25 -1.96 -6.89
C SER A 70 17.61 -1.30 -6.74
N VAL A 71 18.33 -1.64 -5.69
CA VAL A 71 19.66 -1.06 -5.34
C VAL A 71 20.50 -2.21 -4.78
N SER A 72 21.50 -2.65 -5.53
CA SER A 72 22.41 -3.75 -5.11
C SER A 72 23.09 -3.34 -3.79
N GLU A 73 23.21 -4.27 -2.84
CA GLU A 73 23.88 -3.99 -1.54
C GLU A 73 25.33 -3.59 -1.80
N GLU A 74 25.99 -4.26 -2.73
CA GLU A 74 27.39 -4.00 -3.11
C GLU A 74 27.60 -2.51 -3.40
N SER A 75 26.69 -1.87 -4.16
CA SER A 75 26.88 -0.50 -4.75
C SER A 75 26.08 0.59 -4.02
N HIS A 76 25.37 0.30 -2.92
CA HIS A 76 24.38 1.22 -2.32
C HIS A 76 25.01 2.59 -1.98
N ALA A 77 26.30 2.61 -1.63
CA ALA A 77 26.98 3.80 -1.09
C ALA A 77 27.42 4.74 -2.23
N GLU A 78 27.29 4.30 -3.49
CA GLU A 78 27.59 5.09 -4.71
C GLU A 78 26.33 5.22 -5.57
N ASN A 79 25.14 5.25 -4.96
CA ASN A 79 23.85 5.17 -5.66
C ASN A 79 22.88 6.16 -5.01
N THR A 80 22.37 7.13 -5.78
CA THR A 80 21.52 8.24 -5.29
C THR A 80 20.04 7.97 -5.64
N ASP A 81 19.72 6.78 -6.15
CA ASP A 81 18.33 6.38 -6.48
C ASP A 81 17.52 6.12 -5.21
N TRP A 82 18.16 6.08 -4.02
CA TRP A 82 17.45 5.80 -2.74
C TRP A 82 17.65 6.93 -1.74
N ASP A 83 16.67 7.15 -0.87
CA ASP A 83 16.64 8.20 0.17
C ASP A 83 16.66 7.60 1.57
N ILE A 84 15.97 6.47 1.75
CA ILE A 84 15.84 5.77 3.06
C ILE A 84 15.91 4.27 2.77
N ALA A 85 16.33 3.48 3.75
CA ALA A 85 16.51 2.02 3.60
C ALA A 85 16.28 1.36 4.95
N PHE A 86 15.68 0.15 4.93
CA PHE A 86 15.17 -0.57 6.13
C PHE A 86 15.72 -1.98 6.14
N ASN A 87 16.29 -2.34 7.29
CA ASN A 87 16.67 -3.71 7.71
C ASN A 87 16.04 -3.88 9.09
N ARG A 88 15.07 -4.78 9.21
CA ARG A 88 14.25 -4.88 10.43
C ARG A 88 13.81 -3.45 10.76
N TYR A 89 14.01 -2.95 11.97
CA TYR A 89 13.58 -1.58 12.32
C TYR A 89 14.84 -0.71 12.42
N ASN A 90 15.88 -1.07 11.66
CA ASN A 90 17.06 -0.19 11.46
C ASN A 90 16.84 0.61 10.17
N VAL A 91 17.28 1.85 10.16
CA VAL A 91 17.03 2.79 9.02
C VAL A 91 18.34 3.51 8.63
N ARG A 92 18.68 3.45 7.34
CA ARG A 92 19.75 4.23 6.69
C ARG A 92 19.19 5.48 6.02
N THR A 93 20.01 6.52 5.89
CA THR A 93 19.82 7.63 4.94
C THR A 93 20.96 7.61 3.93
N ASN A 94 20.77 8.25 2.79
CA ASN A 94 21.80 8.35 1.73
C ASN A 94 22.79 9.43 2.15
N SER A 95 23.67 9.13 3.12
CA SER A 95 24.61 10.08 3.75
C SER A 95 25.70 9.36 4.53
N GLY A 96 26.68 10.10 5.02
CA GLY A 96 27.74 9.59 5.93
C GLY A 96 28.31 8.26 5.46
N ALA A 97 28.36 7.27 6.35
CA ALA A 97 28.93 5.94 6.06
C ALA A 97 28.03 5.10 5.15
N SER A 98 26.78 5.51 4.93
CA SER A 98 25.76 4.71 4.17
C SER A 98 25.76 5.10 2.69
N GLY A 99 26.14 6.33 2.35
CA GLY A 99 26.08 6.76 0.94
C GLY A 99 26.62 8.15 0.70
N LYS A 100 26.77 8.46 -0.59
CA LYS A 100 27.42 9.70 -1.09
C LYS A 100 26.40 10.84 -1.22
N GLY A 101 25.11 10.62 -0.98
CA GLY A 101 24.08 11.66 -1.11
C GLY A 101 24.15 12.74 -0.02
N LYS A 102 23.18 13.67 -0.06
CA LYS A 102 23.05 14.84 0.83
C LYS A 102 22.03 14.56 1.92
N GLY A 103 21.85 13.28 2.26
CA GLY A 103 20.80 12.80 3.18
C GLY A 103 21.10 13.13 4.62
N GLY A 104 20.17 12.79 5.50
CA GLY A 104 20.29 12.90 6.96
C GLY A 104 18.92 12.97 7.61
N ALA A 105 18.90 13.05 8.95
CA ALA A 105 17.63 13.08 9.70
C ALA A 105 17.75 13.98 10.93
N LEU A 106 16.60 14.46 11.36
CA LEU A 106 16.48 15.39 12.49
C LEU A 106 15.24 14.97 13.24
N LEU A 107 15.35 14.74 14.53
CA LEU A 107 14.19 14.48 15.42
C LEU A 107 13.60 15.85 15.74
N THR A 108 12.28 16.02 15.60
CA THR A 108 11.54 17.24 16.04
C THR A 108 10.84 16.91 17.36
N ASN A 109 10.34 17.93 18.06
CA ASN A 109 9.40 17.78 19.20
C ASN A 109 7.94 17.95 18.72
N ILE A 110 7.68 17.84 17.42
CA ILE A 110 6.30 17.94 16.85
C ILE A 110 5.76 16.52 16.68
N LYS A 111 4.50 16.31 17.09
CA LYS A 111 3.84 14.98 17.07
CA LYS A 111 3.83 14.98 17.07
C LYS A 111 2.85 14.88 15.90
N ASP A 112 2.30 15.99 15.43
CA ASP A 112 1.29 15.99 14.33
C ASP A 112 2.02 16.35 13.03
N LEU A 113 1.99 15.44 12.06
CA LEU A 113 2.61 15.68 10.74
C LEU A 113 2.07 17.01 10.16
N ALA A 114 0.76 17.26 10.29
CA ALA A 114 0.10 18.49 9.76
C ALA A 114 0.65 19.76 10.42
N ALA A 115 1.14 19.65 11.66
CA ALA A 115 1.60 20.78 12.49
C ALA A 115 3.07 21.09 12.18
N CYS A 116 3.76 20.19 11.49
CA CYS A 116 5.15 20.41 11.02
C CYS A 116 5.12 21.15 9.69
N THR A 117 5.36 22.46 9.70
CA THR A 117 5.19 23.35 8.50
C THR A 117 6.55 23.82 8.01
N THR A 118 7.63 23.59 8.77
CA THR A 118 9.01 23.99 8.42
C THR A 118 10.04 23.08 9.10
N VAL A 119 11.25 23.00 8.55
CA VAL A 119 12.39 22.28 9.16
C VAL A 119 12.86 23.09 10.36
N PRO A 120 12.85 22.53 11.60
CA PRO A 120 13.38 23.24 12.76
C PRO A 120 14.90 23.48 12.67
N GLN A 121 15.39 24.41 13.48
CA GLN A 121 16.86 24.63 13.65
C GLN A 121 17.47 23.37 14.26
N GLY A 122 18.66 23.00 13.81
CA GLY A 122 19.39 21.84 14.35
C GLY A 122 20.26 21.17 13.30
N THR A 123 21.31 20.49 13.74
CA THR A 123 22.23 19.71 12.89
C THR A 123 21.55 18.40 12.51
N PHE A 124 21.52 18.07 11.22
CA PHE A 124 21.01 16.76 10.74
C PHE A 124 22.04 15.71 11.11
N THR A 125 21.59 14.53 11.54
CA THR A 125 22.47 13.37 11.80
C THR A 125 22.63 12.60 10.50
N VAL A 126 23.86 12.37 10.08
CA VAL A 126 24.22 11.52 8.91
C VAL A 126 24.60 10.14 9.44
N ASP A 127 24.69 9.19 8.53
CA ASP A 127 24.80 7.76 8.89
C ASP A 127 26.23 7.50 9.32
N ALA A 128 26.41 6.52 10.19
CA ALA A 128 27.71 6.06 10.71
C ALA A 128 27.58 4.60 11.15
N ALA A 129 28.70 3.96 11.49
CA ALA A 129 28.74 2.57 11.97
C ALA A 129 27.57 2.35 12.92
N TYR A 130 26.92 1.20 12.79
CA TYR A 130 25.74 0.82 13.60
C TYR A 130 25.74 -0.70 13.69
N THR A 131 25.48 -1.23 14.87
CA THR A 131 25.46 -2.71 15.10
C THR A 131 24.07 -3.25 14.79
N ILE A 132 23.99 -4.25 13.90
CA ILE A 132 22.71 -4.94 13.56
C ILE A 132 22.83 -6.43 13.90
N THR A 133 21.70 -7.10 14.06
CA THR A 133 21.65 -8.57 14.17
C THR A 133 22.18 -9.17 12.87
N ALA A 134 23.03 -10.19 12.98
CA ALA A 134 23.61 -10.92 11.83
C ALA A 134 22.84 -12.22 11.69
N PRO A 135 22.94 -12.91 10.54
CA PRO A 135 22.28 -14.21 10.37
C PRO A 135 22.86 -15.27 11.34
N GLY A 136 22.05 -16.25 11.72
CA GLY A 136 22.53 -17.50 12.36
C GLY A 136 21.99 -17.74 13.76
N THR A 137 22.18 -18.97 14.25
CA THR A 137 21.62 -19.44 15.55
C THR A 137 22.45 -18.88 16.69
N GLY A 138 21.87 -18.79 17.88
CA GLY A 138 22.61 -18.40 19.09
C GLY A 138 21.88 -17.32 19.84
N PHE A 139 21.95 -17.39 21.16
CA PHE A 139 21.55 -16.31 22.09
C PHE A 139 22.67 -16.13 23.12
N PRO A 140 23.23 -14.91 23.34
CA PRO A 140 22.72 -13.67 22.72
C PRO A 140 22.92 -13.69 21.22
N PRO A 141 22.05 -13.01 20.44
CA PRO A 141 22.05 -13.14 18.98
C PRO A 141 23.39 -12.70 18.42
N PRO A 142 23.84 -13.31 17.30
CA PRO A 142 25.03 -12.85 16.61
C PRO A 142 24.75 -11.44 16.05
N THR A 143 25.74 -10.55 16.13
CA THR A 143 25.64 -9.16 15.59
C THR A 143 26.76 -8.90 14.60
N MET A 144 26.62 -7.84 13.82
CA MET A 144 27.69 -7.37 12.91
C MET A 144 27.65 -5.83 12.82
N GLU A 145 28.81 -5.26 12.54
CA GLU A 145 28.94 -3.81 12.26
C GLU A 145 28.35 -3.52 10.88
N SER A 146 27.29 -2.72 10.80
CA SER A 146 26.76 -2.19 9.52
C SER A 146 26.88 -0.66 9.51
N THR A 147 26.01 0.03 8.78
CA THR A 147 25.84 1.50 8.80
C THR A 147 24.35 1.83 8.79
N ALA A 148 23.97 2.86 9.54
CA ALA A 148 22.57 3.28 9.70
C ALA A 148 22.54 4.65 10.36
N ASN A 149 21.34 5.17 10.53
CA ASN A 149 21.14 6.54 11.03
C ASN A 149 20.70 6.45 12.49
N GLU A 150 21.44 7.08 13.40
CA GLU A 150 21.14 7.05 14.86
C GLU A 150 19.73 7.61 15.10
N VAL A 151 19.32 8.68 14.41
CA VAL A 151 17.99 9.33 14.66
C VAL A 151 16.86 8.37 14.23
N LEU A 152 16.90 7.86 12.99
CA LEU A 152 15.78 7.07 12.41
C LEU A 152 15.76 5.66 13.02
N CYS A 153 16.88 5.18 13.57
CA CYS A 153 16.93 3.83 14.19
C CYS A 153 16.06 3.81 15.46
N LYS A 154 15.73 4.97 16.02
CA LYS A 154 14.83 5.15 17.19
C LYS A 154 13.38 5.44 16.78
N ALA A 155 13.06 5.46 15.48
CA ALA A 155 11.70 5.75 14.96
C ALA A 155 10.76 4.64 15.40
N ILE A 156 11.30 3.44 15.58
CA ILE A 156 10.63 2.30 16.27
C ILE A 156 11.57 1.70 17.32
N THR A 157 11.08 1.57 18.55
CA THR A 157 11.81 0.95 19.68
C THR A 157 11.13 -0.36 20.08
N PHE A 158 11.94 -1.32 20.53
CA PHE A 158 11.49 -2.64 21.00
C PHE A 158 11.56 -2.68 22.52
N ALA A 159 10.54 -3.28 23.13
CA ALA A 159 10.57 -3.82 24.51
C ALA A 159 9.86 -5.18 24.50
N GLY A 160 10.18 -6.02 25.48
CA GLY A 160 9.57 -7.35 25.60
C GLY A 160 10.22 -8.15 26.70
N PRO A 161 9.63 -9.29 27.12
CA PRO A 161 8.36 -9.76 26.58
C PRO A 161 7.17 -9.04 27.18
N PRO A 162 5.94 -9.11 26.61
CA PRO A 162 5.71 -9.63 25.25
C PRO A 162 6.26 -8.70 24.17
N PRO A 163 6.63 -9.22 22.98
CA PRO A 163 7.32 -8.44 21.97
C PRO A 163 6.45 -7.26 21.49
N THR A 164 6.95 -6.05 21.72
CA THR A 164 6.23 -4.78 21.53
C THR A 164 7.14 -3.84 20.75
N TYR A 165 6.70 -3.40 19.58
CA TYR A 165 7.41 -2.46 18.68
C TYR A 165 6.60 -1.17 18.65
N THR A 166 7.19 -0.11 19.23
CA THR A 166 6.51 1.19 19.47
C THR A 166 7.11 2.25 18.56
N PRO A 167 6.30 2.84 17.65
CA PRO A 167 6.75 3.94 16.82
C PRO A 167 6.86 5.18 17.70
N SER A 168 7.88 6.01 17.45
CA SER A 168 8.01 7.36 18.04
C SER A 168 6.70 8.11 17.83
N ASP A 169 6.33 8.95 18.81
CA ASP A 169 5.24 9.94 18.70
C ASP A 169 5.63 11.11 17.79
N TYR A 170 6.92 11.25 17.45
CA TYR A 170 7.48 12.50 16.89
C TYR A 170 7.60 12.41 15.38
N VAL A 171 7.47 13.59 14.75
CA VAL A 171 7.85 13.83 13.34
C VAL A 171 9.37 13.89 13.25
N PHE A 172 9.91 13.22 12.25
CA PHE A 172 11.32 13.29 11.82
C PHE A 172 11.39 14.11 10.55
N ILE A 173 12.40 14.96 10.41
CA ILE A 173 12.74 15.49 9.08
C ILE A 173 13.73 14.52 8.43
N VAL A 174 13.48 14.13 7.20
CA VAL A 174 14.43 13.29 6.41
C VAL A 174 14.88 14.14 5.22
N ARG A 175 16.19 14.20 5.02
CA ARG A 175 16.81 14.86 3.85
C ARG A 175 17.17 13.72 2.90
N THR A 176 16.77 13.85 1.63
CA THR A 176 16.89 12.82 0.58
C THR A 176 18.28 12.88 -0.03
N ALA A 177 18.59 11.97 -0.93
CA ALA A 177 19.91 11.87 -1.59
C ALA A 177 20.26 13.18 -2.32
N SER A 178 19.26 13.87 -2.88
CA SER A 178 19.37 15.16 -3.61
C SER A 178 19.29 16.36 -2.64
N GLY A 179 18.92 16.13 -1.37
CA GLY A 179 18.90 17.18 -0.33
C GLY A 179 17.53 17.82 -0.19
N LYS A 180 16.48 17.22 -0.72
CA LYS A 180 15.10 17.70 -0.49
C LYS A 180 14.70 17.34 0.94
N TYR A 181 13.77 18.08 1.54
CA TYR A 181 13.25 17.88 2.92
C TYR A 181 11.88 17.16 2.88
N ALA A 182 11.75 16.14 3.74
CA ALA A 182 10.51 15.40 3.97
C ALA A 182 10.20 15.35 5.46
N LYS A 183 8.92 15.31 5.81
CA LYS A 183 8.45 15.09 7.19
C LYS A 183 7.90 13.65 7.24
N LEU A 184 8.30 12.87 8.24
CA LEU A 184 8.04 11.41 8.26
C LEU A 184 7.69 10.98 9.69
N LYS A 185 6.76 10.06 9.82
CA LYS A 185 6.49 9.34 11.09
C LYS A 185 6.51 7.84 10.81
N ALA A 186 7.14 7.07 11.72
CA ALA A 186 6.95 5.62 11.83
C ALA A 186 5.50 5.37 12.24
N LYS A 187 4.90 4.31 11.71
CA LYS A 187 3.48 3.95 11.99
C LYS A 187 3.41 2.61 12.75
N SER A 188 4.10 1.57 12.29
CA SER A 188 3.96 0.22 12.86
C SER A 188 5.11 -0.67 12.37
N PHE A 189 5.40 -1.72 13.13
CA PHE A 189 6.25 -2.85 12.68
C PHE A 189 5.41 -4.14 12.54
N TYR A 190 4.08 -4.04 12.54
CA TYR A 190 3.13 -5.18 12.49
C TYR A 190 2.46 -5.31 11.13
N ASP A 191 2.31 -6.55 10.64
CA ASP A 191 1.48 -6.88 9.44
C ASP A 191 0.02 -6.87 9.89
N ASP A 192 -0.86 -7.27 8.97
CA ASP A 192 -2.32 -7.15 9.14
C ASP A 192 -2.85 -8.18 10.14
N GLU A 193 -2.11 -9.26 10.39
CA GLU A 193 -2.41 -10.28 11.44
C GLU A 193 -1.86 -9.83 12.80
N GLY A 194 -1.01 -8.80 12.84
CA GLY A 194 -0.43 -8.29 14.11
C GLY A 194 0.88 -8.99 14.46
N LYS A 195 1.51 -9.61 13.48
CA LYS A 195 2.85 -10.23 13.57
C LYS A 195 3.90 -9.25 13.05
N SER A 196 5.07 -9.24 13.68
CA SER A 196 6.12 -8.21 13.46
C SER A 196 6.90 -8.54 12.18
N GLY A 197 7.49 -7.52 11.56
CA GLY A 197 8.46 -7.68 10.45
C GLY A 197 8.28 -6.63 9.37
N ILE A 198 7.10 -6.02 9.28
CA ILE A 198 6.72 -5.08 8.20
C ILE A 198 6.81 -3.65 8.74
N TYR A 199 7.74 -2.85 8.21
CA TYR A 199 7.87 -1.43 8.60
C TYR A 199 6.83 -0.62 7.84
N SER A 200 5.98 0.10 8.57
CA SER A 200 5.01 1.08 8.03
C SER A 200 5.39 2.48 8.50
N PHE A 201 5.25 3.46 7.61
CA PHE A 201 5.49 4.91 7.88
C PHE A 201 4.56 5.74 7.00
N GLU A 202 4.51 7.04 7.29
CA GLU A 202 3.82 8.05 6.46
C GLU A 202 4.77 9.22 6.28
N TYR A 203 4.76 9.87 5.11
CA TYR A 203 5.60 11.08 4.91
C TYR A 203 4.96 12.04 3.93
N ALA A 204 5.45 13.29 3.95
CA ALA A 204 5.21 14.34 2.94
C ALA A 204 6.57 14.90 2.53
N ILE A 205 6.78 15.11 1.23
CA ILE A 205 8.08 15.61 0.70
C ILE A 205 7.83 16.92 -0.04
N GLN A 206 8.71 17.89 0.17
CA GLN A 206 8.71 19.20 -0.52
C GLN A 206 9.61 19.06 -1.74
N PRO A 207 9.03 18.92 -2.95
CA PRO A 207 9.84 18.72 -4.16
C PRO A 207 10.56 20.01 -4.60
N ASP A 208 10.26 21.18 -3.99
CA ASP A 208 10.84 22.47 -4.48
C ASP A 208 12.20 22.75 -3.81
N GLY A 209 12.68 21.86 -2.93
CA GLY A 209 14.00 21.99 -2.30
C GLY A 209 13.98 22.93 -1.12
N SER A 210 12.87 23.61 -0.84
CA SER A 210 12.76 24.48 0.34
C SER A 210 12.53 23.66 1.62
N THR A 211 12.56 24.32 2.77
CA THR A 211 12.26 23.75 4.10
C THR A 211 10.80 24.01 4.42
N ASN A 212 10.03 24.47 3.43
CA ASN A 212 8.55 24.66 3.57
CA ASN A 212 8.56 24.67 3.55
C ASN A 212 7.89 23.30 3.48
N LEU A 213 7.31 22.83 4.59
CA LEU A 213 6.70 21.48 4.69
C LEU A 213 5.20 21.59 4.95
N ASN A 214 4.57 22.73 4.67
CA ASN A 214 3.11 22.88 4.91
C ASN A 214 2.37 21.75 4.16
N ASN B 39 -7.48 -14.62 15.73
CA ASN B 39 -8.63 -15.60 15.59
C ASN B 39 -9.69 -15.07 14.60
N THR B 40 -9.79 -13.75 14.39
CA THR B 40 -10.60 -13.16 13.28
C THR B 40 -9.72 -13.12 12.02
N LEU B 41 -10.34 -13.07 10.84
CA LEU B 41 -9.61 -12.98 9.55
C LEU B 41 -8.95 -11.60 9.45
N PRO B 42 -7.68 -11.51 9.03
CA PRO B 42 -7.02 -10.21 8.88
C PRO B 42 -7.66 -9.39 7.74
N VAL B 43 -7.74 -8.08 7.93
CA VAL B 43 -8.25 -7.11 6.92
C VAL B 43 -7.05 -6.49 6.22
N LYS B 44 -7.00 -6.58 4.89
CA LYS B 44 -5.96 -5.96 4.05
C LYS B 44 -6.54 -4.68 3.43
N GLN B 45 -5.81 -3.58 3.55
CA GLN B 45 -6.10 -2.28 2.87
C GLN B 45 -5.35 -2.32 1.54
N VAL B 46 -6.07 -2.12 0.42
CA VAL B 46 -5.45 -2.14 -0.93
C VAL B 46 -5.73 -0.79 -1.61
N SER B 47 -4.66 -0.20 -2.16
CA SER B 47 -4.73 0.89 -3.17
C SER B 47 -4.07 0.34 -4.43
N LEU B 48 -4.78 0.37 -5.57
CA LEU B 48 -4.20 -0.10 -6.86
C LEU B 48 -3.02 0.81 -7.25
N SER B 49 -2.10 0.26 -8.03
CA SER B 49 -0.75 0.82 -8.29
C SER B 49 -0.87 2.03 -9.22
N ARG B 50 -1.99 2.18 -9.95
CA ARG B 50 -2.15 3.19 -11.01
C ARG B 50 -3.62 3.38 -11.39
N LYS B 51 -3.87 4.51 -12.05
CA LYS B 51 -5.11 4.85 -12.79
C LYS B 51 -5.10 4.00 -14.05
N THR B 52 -6.27 3.60 -14.56
CA THR B 52 -6.36 2.94 -15.89
C THR B 52 -6.81 3.95 -16.96
N ALA B 53 -6.46 3.64 -18.19
CA ALA B 53 -7.01 4.25 -19.41
C ALA B 53 -8.49 3.83 -19.49
N TYR B 54 -9.22 4.39 -20.46
CA TYR B 54 -10.57 3.90 -20.84
C TYR B 54 -10.35 2.71 -21.76
N GLY B 55 -11.42 2.06 -22.21
CA GLY B 55 -11.32 0.78 -22.90
C GLY B 55 -10.94 -0.31 -21.91
N ASN B 56 -10.43 -1.42 -22.44
CA ASN B 56 -10.18 -2.66 -21.67
C ASN B 56 -8.75 -2.62 -21.12
N ASP B 57 -8.45 -1.58 -20.35
CA ASP B 57 -7.22 -1.47 -19.52
C ASP B 57 -7.64 -1.88 -18.11
N TRP B 58 -7.40 -3.13 -17.75
CA TRP B 58 -7.86 -3.72 -16.46
C TRP B 58 -6.65 -4.03 -15.58
N ILE B 59 -6.74 -3.68 -14.30
CA ILE B 59 -5.77 -4.13 -13.27
C ILE B 59 -6.35 -5.40 -12.60
N TYR B 60 -5.64 -6.52 -12.76
CA TYR B 60 -6.01 -7.86 -12.24
C TYR B 60 -5.40 -8.03 -10.85
N TYR B 61 -6.22 -8.53 -9.93
CA TYR B 61 -5.91 -8.64 -8.49
C TYR B 61 -6.30 -10.04 -7.98
N SER B 62 -5.37 -10.71 -7.28
CA SER B 62 -5.59 -11.95 -6.49
C SER B 62 -5.95 -11.57 -5.05
N LEU B 63 -7.21 -11.74 -4.68
CA LEU B 63 -7.64 -11.62 -3.26
C LEU B 63 -6.99 -12.73 -2.44
N GLU B 64 -6.76 -13.90 -3.06
CA GLU B 64 -6.17 -15.07 -2.38
C GLU B 64 -4.71 -14.79 -1.99
N LYS B 65 -3.93 -14.15 -2.86
CA LYS B 65 -2.50 -13.80 -2.61
C LYS B 65 -2.32 -12.35 -2.15
N GLY B 66 -3.35 -11.50 -2.21
CA GLY B 66 -3.28 -10.09 -1.81
C GLY B 66 -2.30 -9.27 -2.65
N LYS B 67 -2.34 -9.40 -3.97
CA LYS B 67 -1.47 -8.62 -4.89
C LYS B 67 -2.08 -8.49 -6.29
N GLU B 68 -1.69 -7.43 -7.00
CA GLU B 68 -1.93 -7.27 -8.45
C GLU B 68 -1.21 -8.41 -9.17
N VAL B 69 -1.79 -8.94 -10.24
CA VAL B 69 -1.20 -10.09 -10.98
C VAL B 69 -1.14 -9.76 -12.46
N SER B 70 -0.15 -10.32 -13.13
CA SER B 70 0.10 -10.09 -14.58
C SER B 70 -0.83 -11.03 -15.35
N VAL B 71 -1.83 -10.47 -16.01
CA VAL B 71 -2.87 -11.22 -16.77
C VAL B 71 -3.08 -10.48 -18.08
N SER B 72 -2.70 -11.08 -19.22
CA SER B 72 -2.96 -10.52 -20.56
C SER B 72 -4.47 -10.32 -20.74
N GLU B 73 -4.88 -9.18 -21.29
CA GLU B 73 -6.30 -8.90 -21.60
C GLU B 73 -6.83 -10.00 -22.53
N GLU B 74 -6.01 -10.40 -23.50
CA GLU B 74 -6.34 -11.41 -24.55
C GLU B 74 -6.83 -12.69 -23.86
N SER B 75 -6.10 -13.15 -22.84
CA SER B 75 -6.24 -14.49 -22.21
C SER B 75 -7.07 -14.43 -20.91
N HIS B 76 -7.54 -13.26 -20.47
CA HIS B 76 -8.08 -13.08 -19.08
C HIS B 76 -9.22 -14.06 -18.77
N ALA B 77 -9.99 -14.51 -19.77
CA ALA B 77 -11.24 -15.28 -19.57
C ALA B 77 -10.93 -16.78 -19.39
N GLU B 78 -9.65 -17.15 -19.49
CA GLU B 78 -9.17 -18.55 -19.44
C GLU B 78 -8.05 -18.64 -18.40
N ASN B 79 -8.08 -17.76 -17.39
CA ASN B 79 -6.96 -17.47 -16.46
C ASN B 79 -7.54 -17.33 -15.05
N THR B 80 -7.12 -18.20 -14.13
CA THR B 80 -7.67 -18.28 -12.76
C THR B 80 -6.65 -17.71 -11.76
N ASP B 81 -5.64 -16.99 -12.24
CA ASP B 81 -4.64 -16.27 -11.39
C ASP B 81 -5.28 -15.01 -10.78
N TRP B 82 -6.45 -14.60 -11.26
CA TRP B 82 -7.10 -13.35 -10.77
C TRP B 82 -8.49 -13.66 -10.21
N ASP B 83 -8.90 -12.88 -9.23
CA ASP B 83 -10.20 -12.96 -8.54
C ASP B 83 -11.07 -11.74 -8.87
N ILE B 84 -10.44 -10.57 -9.00
CA ILE B 84 -11.17 -9.30 -9.23
C ILE B 84 -10.29 -8.46 -10.16
N ALA B 85 -10.90 -7.55 -10.92
CA ALA B 85 -10.18 -6.67 -11.86
C ALA B 85 -10.88 -5.33 -11.94
N PHE B 86 -10.11 -4.28 -12.19
CA PHE B 86 -10.55 -2.87 -12.13
C PHE B 86 -10.14 -2.12 -13.39
N ASN B 87 -11.12 -1.43 -13.97
CA ASN B 87 -11.02 -0.44 -15.06
C ASN B 87 -11.83 0.77 -14.58
N ARG B 88 -11.14 1.89 -14.35
CA ARG B 88 -11.77 3.03 -13.64
C ARG B 88 -12.47 2.43 -12.42
N TYR B 89 -13.79 2.59 -12.28
CA TYR B 89 -14.54 2.09 -11.11
C TYR B 89 -15.56 1.06 -11.61
N ASN B 90 -15.19 0.37 -12.69
CA ASN B 90 -15.82 -0.88 -13.17
C ASN B 90 -15.04 -2.05 -12.56
N VAL B 91 -15.74 -3.12 -12.19
CA VAL B 91 -15.14 -4.27 -11.46
C VAL B 91 -15.60 -5.56 -12.13
N ARG B 92 -14.65 -6.43 -12.49
CA ARG B 92 -14.91 -7.81 -12.96
C ARG B 92 -14.75 -8.79 -11.80
N THR B 93 -15.47 -9.91 -11.85
CA THR B 93 -15.12 -11.15 -11.12
C THR B 93 -14.74 -12.22 -12.14
N ASN B 94 -14.15 -13.31 -11.67
CA ASN B 94 -13.67 -14.42 -12.53
C ASN B 94 -14.84 -15.38 -12.69
N SER B 95 -15.79 -15.04 -13.58
CA SER B 95 -17.10 -15.71 -13.67
C SER B 95 -17.84 -15.26 -14.93
N GLY B 96 -18.99 -15.86 -15.22
CA GLY B 96 -19.84 -15.49 -16.35
C GLY B 96 -19.05 -15.13 -17.60
N ALA B 97 -19.37 -13.97 -18.18
CA ALA B 97 -18.77 -13.46 -19.44
C ALA B 97 -17.32 -12.96 -19.24
N SER B 98 -16.83 -12.82 -18.02
CA SER B 98 -15.47 -12.29 -17.71
C SER B 98 -14.43 -13.41 -17.60
N GLY B 99 -14.83 -14.61 -17.14
CA GLY B 99 -13.86 -15.68 -16.88
C GLY B 99 -14.47 -17.02 -16.54
N LYS B 100 -13.62 -18.05 -16.55
CA LYS B 100 -14.02 -19.47 -16.43
C LYS B 100 -14.03 -19.92 -14.97
N GLY B 101 -13.73 -19.03 -14.02
CA GLY B 101 -13.61 -19.34 -12.58
C GLY B 101 -14.96 -19.44 -11.91
N LYS B 102 -14.97 -19.70 -10.60
CA LYS B 102 -16.19 -19.88 -9.78
C LYS B 102 -16.56 -18.57 -9.06
N GLY B 103 -16.18 -17.43 -9.64
CA GLY B 103 -16.33 -16.09 -9.06
C GLY B 103 -17.78 -15.62 -8.98
N GLY B 104 -17.97 -14.45 -8.35
CA GLY B 104 -19.29 -13.82 -8.19
C GLY B 104 -19.24 -12.77 -7.11
N ALA B 105 -20.31 -12.00 -6.95
CA ALA B 105 -20.43 -11.02 -5.86
C ALA B 105 -21.85 -11.03 -5.33
N LEU B 106 -22.01 -10.57 -4.11
CA LEU B 106 -23.32 -10.50 -3.42
C LEU B 106 -23.31 -9.22 -2.61
N LEU B 107 -24.32 -8.38 -2.76
CA LEU B 107 -24.48 -7.15 -1.95
C LEU B 107 -25.09 -7.59 -0.63
N THR B 108 -24.56 -7.14 0.50
CA THR B 108 -25.17 -7.37 1.83
C THR B 108 -25.75 -6.05 2.32
N ASN B 109 -26.55 -6.10 3.37
CA ASN B 109 -27.08 -4.92 4.10
C ASN B 109 -26.25 -4.64 5.36
N ILE B 110 -25.01 -5.14 5.41
CA ILE B 110 -24.11 -4.98 6.59
C ILE B 110 -23.12 -3.88 6.25
N LYS B 111 -22.94 -2.90 7.14
CA LYS B 111 -22.09 -1.69 6.92
C LYS B 111 -20.68 -1.86 7.50
N ASP B 112 -20.51 -2.61 8.60
CA ASP B 112 -19.18 -2.80 9.26
C ASP B 112 -18.60 -4.15 8.82
N LEU B 113 -17.40 -4.13 8.25
CA LEU B 113 -16.73 -5.37 7.81
C LEU B 113 -16.66 -6.37 8.97
N ALA B 114 -16.36 -5.90 10.17
CA ALA B 114 -16.16 -6.73 11.38
C ALA B 114 -17.47 -7.41 11.79
N ALA B 115 -18.64 -6.85 11.42
CA ALA B 115 -19.96 -7.38 11.82
C ALA B 115 -20.49 -8.35 10.75
N CYS B 116 -19.75 -8.57 9.66
CA CYS B 116 -20.13 -9.57 8.62
C CYS B 116 -19.36 -10.87 8.86
N THR B 117 -19.96 -11.82 9.57
CA THR B 117 -19.20 -13.00 10.06
C THR B 117 -19.63 -14.26 9.31
N THR B 118 -20.59 -14.16 8.38
CA THR B 118 -20.99 -15.27 7.46
C THR B 118 -21.55 -14.71 6.13
N VAL B 119 -21.48 -15.51 5.08
CA VAL B 119 -22.06 -15.22 3.74
C VAL B 119 -23.59 -15.34 3.88
N PRO B 120 -24.35 -14.23 3.68
CA PRO B 120 -25.80 -14.28 3.69
C PRO B 120 -26.38 -15.13 2.54
N GLN B 121 -27.60 -15.61 2.74
CA GLN B 121 -28.36 -16.38 1.72
C GLN B 121 -28.63 -15.44 0.55
N GLY B 122 -28.59 -15.96 -0.66
CA GLY B 122 -28.88 -15.18 -1.88
C GLY B 122 -28.01 -15.66 -3.02
N THR B 123 -28.45 -15.40 -4.25
CA THR B 123 -27.77 -15.84 -5.49
C THR B 123 -26.64 -14.84 -5.76
N PHE B 124 -25.44 -15.35 -6.02
CA PHE B 124 -24.28 -14.52 -6.42
C PHE B 124 -24.54 -14.05 -7.85
N THR B 125 -24.26 -12.78 -8.12
CA THR B 125 -24.23 -12.18 -9.48
C THR B 125 -22.87 -12.49 -10.10
N VAL B 126 -22.89 -13.12 -11.27
CA VAL B 126 -21.71 -13.39 -12.13
C VAL B 126 -21.69 -12.33 -13.23
N ASP B 127 -20.56 -12.25 -13.92
CA ASP B 127 -20.22 -11.14 -14.83
C ASP B 127 -21.05 -11.34 -16.10
N ALA B 128 -21.49 -10.24 -16.71
CA ALA B 128 -22.11 -10.20 -18.05
C ALA B 128 -21.72 -8.92 -18.78
N ALA B 129 -22.12 -8.80 -20.05
CA ALA B 129 -21.90 -7.60 -20.88
C ALA B 129 -22.12 -6.36 -20.02
N TYR B 130 -21.27 -5.37 -20.21
CA TYR B 130 -21.31 -4.11 -19.42
C TYR B 130 -20.67 -3.02 -20.27
N THR B 131 -21.33 -1.88 -20.35
CA THR B 131 -20.86 -0.72 -21.14
C THR B 131 -19.84 0.08 -20.34
N ILE B 132 -18.67 0.31 -20.93
CA ILE B 132 -17.59 1.14 -20.33
C ILE B 132 -17.22 2.26 -21.30
N THR B 133 -16.71 3.36 -20.76
CA THR B 133 -16.09 4.45 -21.55
C THR B 133 -14.97 3.84 -22.41
N ALA B 134 -14.96 4.17 -23.70
CA ALA B 134 -13.91 3.71 -24.64
C ALA B 134 -12.92 4.84 -24.82
N PRO B 135 -11.73 4.58 -25.40
CA PRO B 135 -10.76 5.64 -25.69
C PRO B 135 -11.31 6.60 -26.76
N GLY B 136 -10.84 7.85 -26.73
CA GLY B 136 -11.05 8.85 -27.81
C GLY B 136 -11.71 10.12 -27.35
N THR B 137 -11.57 11.19 -28.14
CA THR B 137 -12.19 12.51 -27.87
C THR B 137 -13.69 12.42 -28.15
N GLY B 138 -14.42 13.39 -27.61
CA GLY B 138 -15.84 13.59 -27.91
C GLY B 138 -16.67 13.56 -26.65
N PHE B 139 -17.78 14.30 -26.68
CA PHE B 139 -18.83 14.26 -25.65
C PHE B 139 -20.19 14.23 -26.34
N PRO B 140 -21.11 13.31 -25.98
CA PRO B 140 -20.90 12.36 -24.88
C PRO B 140 -19.84 11.32 -25.20
N PRO B 141 -19.22 10.72 -24.16
CA PRO B 141 -17.93 10.09 -24.32
C PRO B 141 -18.20 8.81 -25.10
N PRO B 142 -17.25 8.36 -25.93
CA PRO B 142 -17.43 7.13 -26.69
C PRO B 142 -17.46 5.99 -25.67
N THR B 143 -18.26 4.97 -25.95
CA THR B 143 -18.42 3.81 -25.03
C THR B 143 -18.22 2.55 -25.86
N MET B 144 -17.96 1.44 -25.18
CA MET B 144 -17.87 0.11 -25.83
C MET B 144 -18.48 -0.93 -24.89
N GLU B 145 -18.87 -2.05 -25.48
CA GLU B 145 -19.37 -3.24 -24.73
CA GLU B 145 -19.37 -3.23 -24.72
C GLU B 145 -18.15 -4.01 -24.21
N SER B 146 -18.04 -4.15 -22.90
CA SER B 146 -17.04 -4.99 -22.22
C SER B 146 -17.80 -6.06 -21.43
N THR B 147 -17.19 -6.56 -20.35
CA THR B 147 -17.82 -7.47 -19.34
C THR B 147 -17.42 -6.95 -17.96
N ALA B 148 -18.33 -7.05 -17.00
CA ALA B 148 -18.10 -6.59 -15.61
C ALA B 148 -19.17 -7.22 -14.71
N ASN B 149 -19.14 -6.84 -13.45
CA ASN B 149 -20.05 -7.37 -12.42
C ASN B 149 -21.06 -6.29 -12.03
N GLU B 150 -22.35 -6.50 -12.26
CA GLU B 150 -23.36 -5.45 -11.97
C GLU B 150 -23.25 -5.06 -10.49
N VAL B 151 -23.06 -6.02 -9.60
CA VAL B 151 -23.03 -5.79 -8.12
C VAL B 151 -21.85 -4.89 -7.77
N LEU B 152 -20.64 -5.25 -8.20
CA LEU B 152 -19.39 -4.56 -7.76
C LEU B 152 -19.22 -3.26 -8.54
N CYS B 153 -19.84 -3.12 -9.71
CA CYS B 153 -19.75 -1.87 -10.50
C CYS B 153 -20.45 -0.73 -9.73
N LYS B 154 -21.26 -1.03 -8.70
CA LYS B 154 -21.89 -0.04 -7.81
C LYS B 154 -21.15 0.14 -6.49
N ALA B 155 -19.99 -0.51 -6.29
CA ALA B 155 -19.20 -0.37 -5.03
C ALA B 155 -18.72 1.08 -4.92
N ILE B 156 -18.42 1.71 -6.06
CA ILE B 156 -18.19 3.18 -6.17
C ILE B 156 -19.17 3.77 -7.18
N THR B 157 -19.91 4.81 -6.78
CA THR B 157 -20.83 5.57 -7.66
C THR B 157 -20.31 6.99 -7.87
N PHE B 158 -20.60 7.54 -9.05
CA PHE B 158 -20.19 8.90 -9.45
C PHE B 158 -21.40 9.84 -9.45
N ALA B 159 -21.19 11.08 -8.99
CA ALA B 159 -22.07 12.23 -9.24
C ALA B 159 -21.22 13.48 -9.48
N GLY B 160 -21.75 14.45 -10.22
CA GLY B 160 -21.03 15.72 -10.39
C GLY B 160 -21.80 16.68 -11.28
N PRO B 161 -21.32 17.95 -11.42
CA PRO B 161 -20.14 18.42 -10.70
C PRO B 161 -20.48 18.86 -9.29
N PRO B 162 -19.49 19.08 -8.39
CA PRO B 162 -18.09 18.77 -8.67
C PRO B 162 -17.90 17.26 -8.65
N PRO B 163 -16.85 16.73 -9.32
CA PRO B 163 -16.70 15.28 -9.47
C PRO B 163 -16.55 14.61 -8.11
N THR B 164 -17.53 13.77 -7.74
CA THR B 164 -17.62 13.10 -6.43
C THR B 164 -17.77 11.59 -6.66
N TYR B 165 -16.80 10.81 -6.18
CA TYR B 165 -16.81 9.31 -6.24
C TYR B 165 -17.05 8.77 -4.84
N THR B 166 -18.20 8.10 -4.65
CA THR B 166 -18.69 7.69 -3.31
C THR B 166 -18.68 6.17 -3.22
N PRO B 167 -17.92 5.62 -2.26
CA PRO B 167 -17.95 4.19 -1.99
C PRO B 167 -19.27 3.82 -1.31
N SER B 168 -19.84 2.68 -1.70
CA SER B 168 -20.98 2.03 -0.99
C SER B 168 -20.66 2.00 0.50
N ASP B 169 -21.68 2.22 1.34
CA ASP B 169 -21.58 1.99 2.80
C ASP B 169 -21.56 0.48 3.12
N TYR B 170 -21.81 -0.40 2.15
CA TYR B 170 -22.16 -1.82 2.43
C TYR B 170 -20.97 -2.75 2.20
N VAL B 171 -20.98 -3.87 2.94
CA VAL B 171 -20.10 -5.05 2.71
C VAL B 171 -20.63 -5.83 1.51
N PHE B 172 -19.73 -6.17 0.60
CA PHE B 172 -19.93 -7.11 -0.52
C PHE B 172 -19.28 -8.45 -0.18
N ILE B 173 -19.93 -9.56 -0.50
CA ILE B 173 -19.24 -10.87 -0.53
C ILE B 173 -18.69 -11.08 -1.95
N VAL B 174 -17.41 -11.36 -2.05
CA VAL B 174 -16.77 -11.64 -3.35
C VAL B 174 -16.30 -13.10 -3.30
N ARG B 175 -16.62 -13.83 -4.36
CA ARG B 175 -16.24 -15.25 -4.51
C ARG B 175 -15.09 -15.26 -5.51
N THR B 176 -14.01 -15.91 -5.15
CA THR B 176 -12.72 -15.90 -5.90
C THR B 176 -12.82 -16.89 -7.06
N ALA B 177 -11.81 -16.90 -7.93
CA ALA B 177 -11.74 -17.83 -9.07
C ALA B 177 -11.94 -19.27 -8.57
N SER B 178 -11.37 -19.65 -7.42
CA SER B 178 -11.42 -21.03 -6.88
C SER B 178 -12.69 -21.25 -6.06
N GLY B 179 -13.49 -20.22 -5.82
CA GLY B 179 -14.77 -20.29 -5.09
C GLY B 179 -14.62 -19.98 -3.62
N LYS B 180 -13.49 -19.43 -3.19
CA LYS B 180 -13.34 -19.02 -1.78
C LYS B 180 -14.18 -17.77 -1.56
N TYR B 181 -14.53 -17.46 -0.33
CA TYR B 181 -15.36 -16.29 0.06
C TYR B 181 -14.49 -15.22 0.73
N ALA B 182 -14.67 -13.98 0.27
CA ALA B 182 -14.09 -12.75 0.87
C ALA B 182 -15.21 -11.76 1.17
N LYS B 183 -15.00 -10.94 2.20
CA LYS B 183 -15.83 -9.75 2.53
C LYS B 183 -15.03 -8.50 2.13
N LEU B 184 -15.67 -7.60 1.39
CA LEU B 184 -14.98 -6.45 0.76
C LEU B 184 -15.83 -5.19 0.90
N LYS B 185 -15.16 -4.08 1.13
CA LYS B 185 -15.77 -2.73 1.02
C LYS B 185 -14.87 -1.85 0.16
N ALA B 186 -15.48 -1.03 -0.69
CA ALA B 186 -14.81 0.08 -1.41
C ALA B 186 -14.43 1.13 -0.38
N LYS B 187 -13.29 1.79 -0.56
CA LYS B 187 -12.81 2.85 0.37
C LYS B 187 -12.81 4.22 -0.33
N SER B 188 -12.24 4.30 -1.54
CA SER B 188 -12.02 5.59 -2.22
C SER B 188 -11.73 5.37 -3.69
N PHE B 189 -11.88 6.42 -4.50
CA PHE B 189 -11.37 6.52 -5.89
C PHE B 189 -10.34 7.67 -5.98
N TYR B 190 -9.86 8.17 -4.84
CA TYR B 190 -8.98 9.38 -4.74
C TYR B 190 -7.56 8.99 -4.33
N ASP B 191 -6.56 9.63 -4.95
CA ASP B 191 -5.13 9.48 -4.58
C ASP B 191 -4.87 10.37 -3.36
N ASP B 192 -3.62 10.46 -2.92
CA ASP B 192 -3.24 11.19 -1.67
C ASP B 192 -3.32 12.72 -1.87
N GLU B 193 -3.36 13.21 -3.11
CA GLU B 193 -3.63 14.65 -3.43
C GLU B 193 -5.14 14.92 -3.50
N GLY B 194 -5.99 13.89 -3.48
CA GLY B 194 -7.46 14.06 -3.54
C GLY B 194 -7.96 14.13 -4.98
N LYS B 195 -7.15 13.64 -5.93
CA LYS B 195 -7.48 13.51 -7.37
C LYS B 195 -7.93 12.08 -7.69
N SER B 196 -8.92 11.95 -8.56
CA SER B 196 -9.64 10.69 -8.86
C SER B 196 -8.78 9.78 -9.73
N GLY B 197 -9.00 8.47 -9.64
CA GLY B 197 -8.44 7.49 -10.60
C GLY B 197 -7.87 6.26 -9.94
N ILE B 198 -7.61 6.32 -8.62
CA ILE B 198 -6.95 5.22 -7.86
C ILE B 198 -8.05 4.51 -7.04
N TYR B 199 -8.38 3.28 -7.39
CA TYR B 199 -9.35 2.45 -6.64
C TYR B 199 -8.68 1.91 -5.37
N SER B 200 -9.23 2.25 -4.21
CA SER B 200 -8.88 1.68 -2.88
C SER B 200 -10.05 0.86 -2.35
N PHE B 201 -9.74 -0.22 -1.65
CA PHE B 201 -10.74 -1.09 -0.97
C PHE B 201 -10.06 -1.79 0.21
N GLU B 202 -10.84 -2.51 1.00
CA GLU B 202 -10.35 -3.37 2.09
C GLU B 202 -11.08 -4.70 2.01
N TYR B 203 -10.43 -5.82 2.35
CA TYR B 203 -11.11 -7.13 2.38
C TYR B 203 -10.45 -8.08 3.38
N ALA B 204 -11.17 -9.15 3.68
CA ALA B 204 -10.70 -10.36 4.39
C ALA B 204 -11.21 -11.58 3.61
N ILE B 205 -10.34 -12.58 3.44
CA ILE B 205 -10.68 -13.81 2.67
C ILE B 205 -10.54 -14.99 3.63
N GLN B 206 -11.51 -15.91 3.58
CA GLN B 206 -11.52 -17.18 4.33
C GLN B 206 -10.83 -18.23 3.45
N PRO B 207 -9.57 -18.61 3.75
CA PRO B 207 -8.85 -19.56 2.90
C PRO B 207 -9.35 -21.00 3.01
N ASP B 208 -10.20 -21.33 4.01
CA ASP B 208 -10.60 -22.75 4.25
C ASP B 208 -11.81 -23.14 3.38
N GLY B 209 -12.27 -22.25 2.51
CA GLY B 209 -13.34 -22.54 1.54
C GLY B 209 -14.72 -22.44 2.14
N SER B 210 -14.82 -22.15 3.44
CA SER B 210 -16.10 -22.03 4.17
C SER B 210 -16.70 -20.65 3.94
N THR B 211 -17.93 -20.46 4.41
CA THR B 211 -18.64 -19.16 4.42
C THR B 211 -18.43 -18.52 5.79
N ASN B 212 -17.53 -19.06 6.60
CA ASN B 212 -17.10 -18.45 7.88
C ASN B 212 -16.23 -17.23 7.59
N LEU B 213 -16.72 -16.03 7.88
CA LEU B 213 -15.98 -14.76 7.64
C LEU B 213 -15.72 -14.06 8.99
N ASN B 214 -15.75 -14.82 10.09
CA ASN B 214 -15.32 -14.34 11.43
C ASN B 214 -13.79 -14.27 11.45
S SO4 C . 13.78 -8.14 15.32
O1 SO4 C . 15.17 -8.24 15.68
O2 SO4 C . 13.65 -7.25 14.20
O3 SO4 C . 13.00 -7.63 16.46
O4 SO4 C . 13.32 -9.42 14.92
C1 GOL D . 14.71 -12.91 10.37
O1 GOL D . 15.05 -13.82 9.34
C2 GOL D . 13.28 -13.08 10.86
O2 GOL D . 12.77 -14.36 10.48
C3 GOL D . 13.14 -12.93 12.36
O3 GOL D . 11.82 -13.23 12.79
C1 GOL E . 10.70 -17.39 8.42
O1 GOL E . 12.09 -17.44 8.10
C2 GOL E . 10.45 -16.85 9.82
O2 GOL E . 11.62 -17.00 10.63
C3 GOL E . 10.06 -15.39 9.84
O3 GOL E . 10.26 -14.83 11.12
S SO4 F . 21.60 -7.59 -3.67
O1 SO4 F . 22.81 -8.19 -4.16
O2 SO4 F . 21.89 -6.73 -2.57
O3 SO4 F . 20.97 -6.84 -4.72
O4 SO4 F . 20.69 -8.62 -3.24
S SO4 G . 13.88 -6.80 -2.99
O1 SO4 G . 15.29 -7.13 -2.76
O2 SO4 G . 13.45 -5.87 -1.97
O3 SO4 G . 13.75 -6.20 -4.29
O4 SO4 G . 13.07 -7.98 -2.91
C1 GOL H . -1.60 21.10 -8.27
O1 GOL H . -2.18 20.35 -7.21
C2 GOL H . -1.82 22.60 -8.16
O2 GOL H . -1.29 23.22 -9.33
C3 GOL H . -3.27 22.99 -7.95
O3 GOL H . -3.50 24.41 -7.93
S SO4 I . -14.09 8.29 -14.92
O1 SO4 I . -13.05 9.11 -15.38
O2 SO4 I . -14.89 9.01 -13.94
O3 SO4 I . -14.91 7.90 -16.04
O4 SO4 I . -13.52 7.11 -14.34
S SO4 J . -2.15 -6.75 -22.07
O1 SO4 J . -1.24 -5.66 -22.13
O2 SO4 J . -1.45 -7.89 -21.54
O3 SO4 J . -2.64 -7.06 -23.39
O4 SO4 J . -3.26 -6.42 -21.20
S SO4 K . 0.23 -3.13 -15.61
O1 SO4 K . 0.62 -1.92 -16.28
O2 SO4 K . -0.20 -2.81 -14.27
O3 SO4 K . -0.86 -3.72 -16.34
O4 SO4 K . 1.34 -4.04 -15.56
#